data_4H1M
#
_entry.id   4H1M
#
_cell.length_a   37.393
_cell.length_b   81.429
_cell.length_c   86.396
_cell.angle_alpha   90.00
_cell.angle_beta   90.00
_cell.angle_gamma   90.00
#
_symmetry.space_group_name_H-M   'P 21 21 21'
#
loop_
_entity.id
_entity.type
_entity.pdbx_description
1 polymer 'Protein-tyrosine kinase 2-beta'
2 non-polymer 7-({[3-tert-butyl-1-(4-methylphenyl)-1H-pyrazol-5-yl]carbamoyl}amino)-N-(propan-2-yl)-1H-indole-2-carboxamide
3 water water
#
_entity_poly.entity_id   1
_entity_poly.type   'polypeptide(L)'
_entity_poly.pdbx_seq_one_letter_code
;MHHHHHHSSGLVPRGSPQYGIAREDVVLNRILGEGFFGEVYEGVYTNHKGEKINVAVKTCKKDCTLDNKEKFMSEAVIMK
NLDHPHIVKLIGIIEEEPTWIIMELYPYGELGHYLERNKNSLKVLTLVLYSLQICKAMAYLESINCVHRDIAVRNILVAS
PECVKLGDFGLSRYIEDEDYYKASVTRLPIKWMSPESINFRRFTTASDVWMFAVCMWEILSFGKQPFFWLENKDVIGVLE
KGDRLPKPDLCPPVLYTLMTRCWDYDPSDRPRFTELVCSLSDVYQMEKDIAME
;
_entity_poly.pdbx_strand_id   A
#
# COMPACT_ATOMS: atom_id res chain seq x y z
N ILE A 21 14.87 8.09 20.63
CA ILE A 21 14.06 6.97 21.12
C ILE A 21 14.96 5.98 21.88
N ALA A 22 14.65 5.75 23.17
CA ALA A 22 15.38 4.84 24.05
C ALA A 22 14.82 3.42 23.95
N ARG A 23 15.72 2.42 23.94
CA ARG A 23 15.39 0.99 23.81
C ARG A 23 14.47 0.45 24.90
N GLU A 24 14.62 0.94 26.14
CA GLU A 24 13.80 0.50 27.27
C GLU A 24 12.32 0.94 27.16
N ASP A 25 12.06 1.97 26.32
CA ASP A 25 10.73 2.52 26.02
C ASP A 25 9.99 1.68 24.94
N VAL A 26 10.61 0.57 24.47
CA VAL A 26 10.05 -0.33 23.47
C VAL A 26 10.09 -1.78 24.00
N VAL A 27 8.90 -2.37 24.19
CA VAL A 27 8.72 -3.76 24.64
C VAL A 27 8.28 -4.59 23.41
N LEU A 28 8.98 -5.71 23.14
CA LEU A 28 8.64 -6.58 22.01
C LEU A 28 7.62 -7.65 22.44
N ASN A 29 6.57 -7.85 21.65
CA ASN A 29 5.48 -8.79 21.96
C ASN A 29 5.57 -10.12 21.22
N ARG A 30 5.75 -10.10 19.87
CA ARG A 30 5.87 -11.27 19.00
C ARG A 30 6.45 -10.91 17.64
N ILE A 31 6.88 -11.94 16.89
CA ILE A 31 7.44 -11.79 15.55
C ILE A 31 6.31 -11.52 14.55
N LEU A 32 6.36 -10.36 13.89
CA LEU A 32 5.41 -9.94 12.85
C LEU A 32 5.64 -10.77 11.58
N GLY A 33 6.90 -11.09 11.34
CA GLY A 33 7.34 -11.87 10.19
C GLY A 33 8.82 -11.69 9.92
N GLU A 34 9.29 -12.27 8.83
CA GLU A 34 10.68 -12.16 8.45
C GLU A 34 10.82 -11.10 7.37
N GLY A 35 11.64 -10.09 7.64
CA GLY A 35 11.96 -9.04 6.67
C GLY A 35 13.10 -9.55 5.80
N PHE A 36 13.54 -8.74 4.82
CA PHE A 36 14.66 -9.14 3.96
C PHE A 36 15.99 -9.27 4.73
N PHE A 37 16.25 -8.36 5.67
CA PHE A 37 17.51 -8.35 6.43
C PHE A 37 17.50 -9.02 7.82
N GLY A 38 16.31 -9.30 8.34
CA GLY A 38 16.10 -9.95 9.63
C GLY A 38 14.66 -9.97 10.04
N GLU A 39 14.38 -10.45 11.26
CA GLU A 39 13.04 -10.54 11.81
C GLU A 39 12.43 -9.19 12.09
N VAL A 40 11.11 -9.11 11.95
CA VAL A 40 10.36 -7.90 12.27
C VAL A 40 9.48 -8.29 13.45
N TYR A 41 9.52 -7.48 14.51
CA TYR A 41 8.76 -7.71 15.71
C TYR A 41 7.60 -6.71 15.82
N GLU A 42 6.49 -7.17 16.42
CA GLU A 42 5.32 -6.37 16.77
C GLU A 42 5.61 -5.98 18.22
N GLY A 43 5.65 -4.68 18.47
CA GLY A 43 5.94 -4.16 19.79
C GLY A 43 5.03 -3.04 20.21
N VAL A 44 5.35 -2.46 21.39
CA VAL A 44 4.62 -1.33 21.97
C VAL A 44 5.65 -0.31 22.42
N TYR A 45 5.46 0.94 21.99
CA TYR A 45 6.32 2.06 22.35
C TYR A 45 5.57 3.00 23.29
N THR A 46 6.14 3.22 24.48
CA THR A 46 5.60 4.12 25.49
C THR A 46 6.39 5.42 25.38
N ASN A 47 5.71 6.49 24.95
CA ASN A 47 6.31 7.82 24.77
C ASN A 47 6.43 8.58 26.11
N HIS A 48 6.90 9.84 26.05
CA HIS A 48 7.08 10.76 27.19
C HIS A 48 5.74 11.03 27.90
N LYS A 49 4.61 10.87 27.18
CA LYS A 49 3.24 11.06 27.67
C LYS A 49 2.69 9.82 28.39
N GLY A 50 3.34 8.68 28.19
CA GLY A 50 2.94 7.42 28.79
C GLY A 50 1.99 6.59 27.96
N GLU A 51 1.41 7.17 26.88
CA GLU A 51 0.49 6.46 25.99
C GLU A 51 1.20 5.42 25.13
N LYS A 52 0.55 4.25 25.00
CA LYS A 52 1.06 3.08 24.30
C LYS A 52 0.76 3.10 22.79
N ILE A 53 1.83 3.13 21.99
CA ILE A 53 1.78 3.15 20.53
C ILE A 53 2.21 1.81 19.98
N ASN A 54 1.39 1.22 19.11
CA ASN A 54 1.67 -0.05 18.43
C ASN A 54 2.75 0.22 17.39
N VAL A 55 3.82 -0.57 17.39
CA VAL A 55 4.95 -0.38 16.46
C VAL A 55 5.44 -1.67 15.82
N ALA A 56 6.08 -1.54 14.64
CA ALA A 56 6.76 -2.64 13.95
C ALA A 56 8.25 -2.31 14.11
N VAL A 57 9.01 -3.23 14.73
CA VAL A 57 10.43 -3.05 15.00
C VAL A 57 11.24 -3.96 14.06
N LYS A 58 11.87 -3.35 13.05
CA LYS A 58 12.66 -4.05 12.03
C LYS A 58 14.10 -4.19 12.47
N THR A 59 14.67 -5.40 12.32
CA THR A 59 16.04 -5.72 12.75
C THR A 59 16.88 -6.23 11.59
N CYS A 60 18.20 -6.16 11.72
CA CYS A 60 19.17 -6.58 10.70
C CYS A 60 20.10 -7.65 11.29
N LYS A 61 20.23 -8.82 10.62
CA LYS A 61 21.13 -9.89 11.05
C LYS A 61 22.55 -9.34 11.16
N LYS A 62 23.26 -9.67 12.25
CA LYS A 62 24.63 -9.20 12.53
C LYS A 62 25.63 -9.52 11.41
N ASP A 63 25.58 -10.77 10.90
CA ASP A 63 26.45 -11.32 9.86
C ASP A 63 26.32 -10.70 8.45
N CYS A 64 25.47 -9.68 8.29
CA CYS A 64 25.25 -9.06 6.98
C CYS A 64 26.46 -8.21 6.54
N THR A 65 26.57 -7.98 5.22
CA THR A 65 27.63 -7.16 4.64
C THR A 65 27.36 -5.70 5.01
N LEU A 66 28.37 -4.82 4.84
CA LEU A 66 28.21 -3.39 5.09
C LEU A 66 27.22 -2.82 4.08
N ASP A 67 27.23 -3.36 2.85
CA ASP A 67 26.32 -3.01 1.77
C ASP A 67 24.87 -3.35 2.17
N ASN A 68 24.66 -4.54 2.78
CA ASN A 68 23.35 -5.00 3.25
C ASN A 68 22.84 -4.17 4.43
N LYS A 69 23.75 -3.76 5.33
CA LYS A 69 23.45 -2.92 6.49
C LYS A 69 23.06 -1.52 6.01
N GLU A 70 23.71 -1.05 4.94
CA GLU A 70 23.41 0.24 4.32
C GLU A 70 22.03 0.22 3.70
N LYS A 71 21.71 -0.81 2.91
CA LYS A 71 20.38 -0.99 2.29
C LYS A 71 19.25 -1.08 3.35
N PHE A 72 19.53 -1.69 4.53
CA PHE A 72 18.60 -1.79 5.67
C PHE A 72 18.27 -0.40 6.20
N MET A 73 19.32 0.43 6.36
CA MET A 73 19.22 1.80 6.87
C MET A 73 18.53 2.74 5.93
N SER A 74 18.64 2.52 4.61
CA SER A 74 17.98 3.35 3.60
C SER A 74 16.47 3.55 3.85
N GLU A 75 15.81 2.54 4.47
CA GLU A 75 14.39 2.64 4.82
C GLU A 75 14.19 3.69 5.91
N ALA A 76 15.08 3.69 6.93
CA ALA A 76 15.05 4.69 8.00
C ALA A 76 15.35 6.08 7.44
N VAL A 77 16.30 6.18 6.49
CA VAL A 77 16.74 7.42 5.83
C VAL A 77 15.59 8.04 5.01
N ILE A 78 14.94 7.24 4.14
CA ILE A 78 13.80 7.65 3.32
C ILE A 78 12.58 7.92 4.19
N MET A 79 12.13 6.94 5.00
CA MET A 79 10.93 7.04 5.84
C MET A 79 10.87 8.23 6.80
N LYS A 80 12.04 8.65 7.34
CA LYS A 80 12.20 9.83 8.21
C LYS A 80 11.75 11.07 7.45
N ASN A 81 11.99 11.09 6.14
CA ASN A 81 11.65 12.21 5.26
C ASN A 81 10.25 12.23 4.78
N LEU A 82 9.54 11.12 4.93
CA LEU A 82 8.14 11.05 4.53
C LEU A 82 7.23 11.44 5.68
N ASP A 83 6.30 12.38 5.42
CA ASP A 83 5.39 12.94 6.43
C ASP A 83 3.94 13.13 5.90
N HIS A 84 3.60 12.42 4.81
CA HIS A 84 2.29 12.49 4.14
C HIS A 84 1.18 11.85 4.98
N PRO A 85 -0.03 12.46 5.10
CA PRO A 85 -1.09 11.87 5.93
C PRO A 85 -1.55 10.47 5.51
N HIS A 86 -1.26 10.06 4.26
CA HIS A 86 -1.69 8.75 3.78
C HIS A 86 -0.56 7.81 3.45
N ILE A 87 0.57 8.02 4.14
CA ILE A 87 1.77 7.20 4.07
C ILE A 87 2.10 6.81 5.51
N VAL A 88 2.57 5.57 5.70
CA VAL A 88 3.00 5.04 6.99
C VAL A 88 4.08 5.93 7.62
N LYS A 89 4.13 5.96 8.96
CA LYS A 89 5.03 6.83 9.74
C LYS A 89 6.18 6.09 10.43
N LEU A 90 7.38 6.68 10.39
CA LEU A 90 8.55 6.20 11.11
C LEU A 90 8.48 6.82 12.52
N ILE A 91 8.52 5.98 13.55
CA ILE A 91 8.48 6.45 14.94
C ILE A 91 9.88 6.89 15.34
N GLY A 92 10.86 6.05 15.04
CA GLY A 92 12.25 6.35 15.36
C GLY A 92 13.22 5.32 14.85
N ILE A 93 14.51 5.54 15.15
CA ILE A 93 15.63 4.70 14.79
C ILE A 93 16.56 4.58 15.99
N ILE A 94 16.98 3.35 16.34
CA ILE A 94 17.99 3.16 17.39
C ILE A 94 19.21 2.68 16.61
N GLU A 95 20.22 3.55 16.44
CA GLU A 95 21.41 3.21 15.65
C GLU A 95 22.34 2.23 16.37
N GLU A 96 22.45 2.36 17.70
CA GLU A 96 23.27 1.50 18.57
C GLU A 96 22.87 0.02 18.37
N GLU A 97 23.88 -0.88 18.29
CA GLU A 97 23.68 -2.32 18.07
C GLU A 97 22.88 -3.00 19.20
N PRO A 98 21.81 -3.78 18.88
CA PRO A 98 21.27 -4.07 17.55
C PRO A 98 20.40 -2.94 17.00
N THR A 99 20.73 -2.46 15.78
CA THR A 99 20.04 -1.36 15.13
C THR A 99 18.58 -1.70 14.86
N TRP A 100 17.65 -0.84 15.33
CA TRP A 100 16.21 -1.07 15.10
C TRP A 100 15.59 0.10 14.38
N ILE A 101 14.67 -0.18 13.45
CA ILE A 101 13.90 0.80 12.71
C ILE A 101 12.47 0.60 13.21
N ILE A 102 11.94 1.62 13.87
CA ILE A 102 10.64 1.56 14.51
C ILE A 102 9.62 2.33 13.69
N MET A 103 8.62 1.62 13.17
CA MET A 103 7.57 2.18 12.33
C MET A 103 6.27 2.06 13.09
N GLU A 104 5.35 3.02 12.90
CA GLU A 104 4.05 3.00 13.54
C GLU A 104 3.11 1.93 12.96
N LEU A 105 2.41 1.24 13.84
CA LEU A 105 1.35 0.29 13.51
C LEU A 105 0.11 0.89 14.14
N TYR A 106 -1.06 0.43 13.72
CA TYR A 106 -2.36 0.90 14.19
C TYR A 106 -3.14 -0.33 14.61
N PRO A 107 -4.07 -0.24 15.60
CA PRO A 107 -4.74 -1.46 16.05
C PRO A 107 -5.78 -2.05 15.10
N TYR A 108 -6.12 -1.31 14.02
CA TYR A 108 -7.09 -1.75 13.01
C TYR A 108 -6.44 -2.64 11.94
N GLY A 109 -5.13 -2.80 12.00
CA GLY A 109 -4.35 -3.64 11.11
C GLY A 109 -4.39 -3.30 9.63
N GLU A 110 -4.15 -4.32 8.79
CA GLU A 110 -4.14 -4.20 7.33
C GLU A 110 -5.52 -3.86 6.81
N LEU A 111 -5.60 -3.13 5.70
CA LEU A 111 -6.88 -2.77 5.08
C LEU A 111 -7.67 -3.99 4.56
N GLY A 112 -6.96 -4.99 4.03
CA GLY A 112 -7.57 -6.21 3.49
C GLY A 112 -8.39 -6.97 4.49
N HIS A 113 -7.81 -7.18 5.67
CA HIS A 113 -8.41 -7.86 6.81
C HIS A 113 -9.53 -6.99 7.41
N TYR A 114 -9.33 -5.66 7.48
CA TYR A 114 -10.32 -4.69 7.95
C TYR A 114 -11.57 -4.69 7.07
N LEU A 115 -11.39 -4.69 5.72
CA LEU A 115 -12.49 -4.70 4.75
C LEU A 115 -13.32 -5.99 4.89
N GLU A 116 -12.64 -7.15 5.00
CA GLU A 116 -13.29 -8.45 5.15
C GLU A 116 -14.16 -8.46 6.41
N ARG A 117 -13.57 -8.01 7.53
CA ARG A 117 -14.22 -7.96 8.83
C ARG A 117 -15.42 -7.00 8.91
N ASN A 118 -15.35 -5.85 8.22
CA ASN A 118 -16.38 -4.81 8.26
C ASN A 118 -17.21 -4.67 6.97
N LYS A 119 -17.22 -5.69 6.12
CA LYS A 119 -17.96 -5.72 4.85
C LYS A 119 -19.46 -5.34 4.91
N ASN A 120 -20.11 -5.60 6.06
CA ASN A 120 -21.55 -5.32 6.22
C ASN A 120 -21.85 -3.91 6.69
N SER A 121 -20.88 -3.23 7.35
CA SER A 121 -21.09 -1.87 7.85
C SER A 121 -20.47 -0.76 6.97
N LEU A 122 -19.42 -1.08 6.18
CA LEU A 122 -18.73 -0.12 5.33
C LEU A 122 -19.56 0.33 4.15
N LYS A 123 -19.66 1.65 3.97
CA LYS A 123 -20.41 2.29 2.88
C LYS A 123 -19.48 2.53 1.69
N VAL A 124 -20.04 2.62 0.47
CA VAL A 124 -19.27 2.85 -0.78
C VAL A 124 -18.46 4.15 -0.73
N LEU A 125 -19.02 5.23 -0.15
CA LEU A 125 -18.34 6.54 0.01
C LEU A 125 -17.02 6.39 0.78
N THR A 126 -16.99 5.43 1.72
CA THR A 126 -15.81 5.13 2.54
C THR A 126 -14.78 4.40 1.68
N LEU A 127 -15.23 3.53 0.77
CA LEU A 127 -14.33 2.79 -0.14
C LEU A 127 -13.72 3.77 -1.16
N VAL A 128 -14.50 4.79 -1.58
CA VAL A 128 -14.01 5.82 -2.49
C VAL A 128 -13.04 6.74 -1.73
N LEU A 129 -13.32 7.02 -0.42
CA LEU A 129 -12.45 7.82 0.44
C LEU A 129 -11.10 7.15 0.52
N TYR A 130 -11.05 5.85 0.87
CA TYR A 130 -9.80 5.09 0.96
C TYR A 130 -9.02 5.10 -0.36
N SER A 131 -9.73 4.93 -1.49
CA SER A 131 -9.16 4.96 -2.85
C SER A 131 -8.50 6.30 -3.14
N LEU A 132 -9.21 7.40 -2.82
CA LEU A 132 -8.71 8.77 -3.01
C LEU A 132 -7.48 9.05 -2.13
N GLN A 133 -7.50 8.59 -0.85
CA GLN A 133 -6.40 8.78 0.10
C GLN A 133 -5.10 8.13 -0.38
N ILE A 134 -5.17 6.88 -0.87
CA ILE A 134 -4.03 6.16 -1.46
C ILE A 134 -3.60 6.89 -2.75
N CYS A 135 -4.57 7.42 -3.51
CA CYS A 135 -4.22 8.16 -4.73
C CYS A 135 -3.41 9.41 -4.41
N LYS A 136 -3.76 10.11 -3.31
CA LYS A 136 -3.06 11.30 -2.84
C LYS A 136 -1.63 10.94 -2.44
N ALA A 137 -1.45 9.80 -1.74
CA ALA A 137 -0.13 9.28 -1.35
C ALA A 137 0.72 9.03 -2.61
N MET A 138 0.13 8.33 -3.58
CA MET A 138 0.77 8.02 -4.86
C MET A 138 1.03 9.23 -5.75
N ALA A 139 0.18 10.28 -5.66
CA ALA A 139 0.40 11.52 -6.42
C ALA A 139 1.65 12.22 -5.85
N TYR A 140 1.90 12.07 -4.52
CA TYR A 140 3.10 12.65 -3.90
C TYR A 140 4.36 11.91 -4.39
N LEU A 141 4.35 10.57 -4.37
CA LEU A 141 5.49 9.76 -4.87
C LEU A 141 5.73 10.03 -6.35
N GLU A 142 4.63 10.23 -7.12
CA GLU A 142 4.71 10.58 -8.54
C GLU A 142 5.45 11.91 -8.71
N SER A 143 5.21 12.89 -7.79
CA SER A 143 5.84 14.21 -7.78
C SER A 143 7.35 14.15 -7.67
N ILE A 144 7.87 13.07 -7.07
CA ILE A 144 9.31 12.89 -6.88
C ILE A 144 9.83 11.72 -7.70
N ASN A 145 9.04 11.29 -8.70
CA ASN A 145 9.34 10.23 -9.66
C ASN A 145 9.77 8.92 -9.00
N CYS A 146 9.08 8.57 -7.91
CA CYS A 146 9.32 7.34 -7.17
C CYS A 146 8.24 6.34 -7.46
N VAL A 147 8.67 5.10 -7.70
CA VAL A 147 7.75 4.00 -8.03
C VAL A 147 7.59 3.03 -6.86
N HIS A 148 6.34 2.68 -6.54
CA HIS A 148 6.02 1.77 -5.44
C HIS A 148 6.34 0.32 -5.84
N ARG A 149 5.85 -0.14 -7.02
CA ARG A 149 6.01 -1.49 -7.62
C ARG A 149 5.16 -2.60 -6.96
N ASP A 150 4.40 -2.28 -5.89
CA ASP A 150 3.64 -3.28 -5.18
C ASP A 150 2.38 -2.69 -4.54
N ILE A 151 1.62 -1.88 -5.30
CA ILE A 151 0.39 -1.29 -4.77
C ILE A 151 -0.65 -2.39 -4.69
N ALA A 152 -1.06 -2.69 -3.45
CA ALA A 152 -1.99 -3.75 -3.10
C ALA A 152 -2.52 -3.46 -1.70
N VAL A 153 -3.74 -3.92 -1.41
CA VAL A 153 -4.39 -3.69 -0.13
C VAL A 153 -3.64 -4.32 1.07
N ARG A 154 -2.75 -5.30 0.81
CA ARG A 154 -1.91 -5.91 1.85
C ARG A 154 -0.82 -4.93 2.34
N ASN A 155 -0.51 -3.88 1.51
CA ASN A 155 0.50 -2.87 1.81
C ASN A 155 -0.12 -1.58 2.37
N ILE A 156 -1.37 -1.67 2.83
CA ILE A 156 -2.10 -0.53 3.39
C ILE A 156 -2.57 -0.86 4.80
N LEU A 157 -2.40 0.12 5.72
CA LEU A 157 -2.81 0.02 7.12
C LEU A 157 -3.96 0.97 7.39
N VAL A 158 -4.82 0.62 8.34
CA VAL A 158 -5.97 1.44 8.73
C VAL A 158 -5.58 2.21 9.99
N ALA A 159 -5.41 3.55 9.86
CA ALA A 159 -5.04 4.42 11.00
C ALA A 159 -6.28 4.68 11.86
N SER A 160 -7.43 4.85 11.20
CA SER A 160 -8.74 5.09 11.82
C SER A 160 -9.81 4.69 10.81
N PRO A 161 -11.11 4.54 11.18
CA PRO A 161 -12.11 4.17 10.16
C PRO A 161 -12.18 5.15 8.97
N GLU A 162 -11.60 6.36 9.12
CA GLU A 162 -11.60 7.40 8.09
C GLU A 162 -10.18 7.78 7.64
N CYS A 163 -9.19 6.92 7.88
CA CYS A 163 -7.83 7.20 7.43
C CYS A 163 -7.01 5.97 7.15
N VAL A 164 -6.60 5.79 5.88
CA VAL A 164 -5.72 4.70 5.49
C VAL A 164 -4.33 5.26 5.18
N LYS A 165 -3.29 4.43 5.31
CA LYS A 165 -1.90 4.81 5.09
C LYS A 165 -1.18 3.76 4.27
N LEU A 166 -0.52 4.20 3.19
CA LEU A 166 0.22 3.34 2.28
C LEU A 166 1.61 3.05 2.81
N GLY A 167 1.99 1.79 2.72
CA GLY A 167 3.33 1.37 3.09
C GLY A 167 3.87 0.42 2.06
N ASP A 168 4.97 -0.24 2.39
CA ASP A 168 5.61 -1.24 1.55
C ASP A 168 6.27 -2.23 2.49
N PHE A 169 5.58 -3.36 2.69
CA PHE A 169 6.00 -4.43 3.58
C PHE A 169 6.39 -5.68 2.78
N GLY A 170 6.63 -5.49 1.48
CA GLY A 170 7.01 -6.56 0.56
C GLY A 170 8.49 -6.60 0.30
N LEU A 171 8.97 -7.71 -0.31
CA LEU A 171 10.39 -7.90 -0.60
C LEU A 171 10.76 -7.40 -2.00
N SER A 172 11.01 -6.06 -2.10
CA SER A 172 11.32 -5.28 -3.31
C SER A 172 10.25 -5.40 -4.38
N LEU A 188 6.81 -12.59 -7.61
CA LEU A 188 6.35 -11.27 -8.07
C LEU A 188 4.81 -11.16 -7.99
N PRO A 189 4.25 -9.94 -7.70
CA PRO A 189 2.79 -9.81 -7.59
C PRO A 189 2.08 -9.73 -8.94
N ILE A 190 2.21 -10.82 -9.74
CA ILE A 190 1.66 -10.97 -11.10
C ILE A 190 0.24 -10.43 -11.28
N LYS A 191 -0.69 -10.81 -10.39
CA LYS A 191 -2.11 -10.42 -10.47
C LYS A 191 -2.40 -8.93 -10.28
N TRP A 192 -1.38 -8.15 -9.91
CA TRP A 192 -1.48 -6.70 -9.73
C TRP A 192 -0.69 -5.92 -10.77
N MET A 193 0.26 -6.58 -11.43
CA MET A 193 1.20 -5.98 -12.38
C MET A 193 0.65 -5.64 -13.76
N SER A 194 1.17 -4.56 -14.34
CA SER A 194 0.84 -4.10 -15.67
C SER A 194 1.44 -5.10 -16.67
N PRO A 195 0.95 -5.16 -17.93
CA PRO A 195 1.55 -6.08 -18.91
C PRO A 195 3.04 -5.83 -19.15
N GLU A 196 3.48 -4.56 -19.14
CA GLU A 196 4.89 -4.23 -19.34
C GLU A 196 5.77 -4.68 -18.18
N SER A 197 5.20 -4.74 -16.96
CA SER A 197 5.90 -5.23 -15.77
C SER A 197 5.99 -6.74 -15.83
N ILE A 198 4.91 -7.45 -16.24
CA ILE A 198 4.95 -8.91 -16.38
C ILE A 198 5.88 -9.30 -17.53
N ASN A 199 5.65 -8.73 -18.73
CA ASN A 199 6.42 -9.06 -19.93
C ASN A 199 7.88 -8.71 -19.92
N PHE A 200 8.25 -7.51 -19.46
CA PHE A 200 9.61 -7.00 -19.55
C PHE A 200 10.23 -6.51 -18.24
N ARG A 201 9.53 -6.66 -17.10
CA ARG A 201 9.97 -6.18 -15.79
C ARG A 201 10.21 -4.65 -15.74
N ARG A 202 9.41 -3.92 -16.55
CA ARG A 202 9.42 -2.46 -16.61
C ARG A 202 8.47 -1.95 -15.53
N PHE A 203 8.95 -1.05 -14.68
CA PHE A 203 8.16 -0.47 -13.58
C PHE A 203 8.31 1.04 -13.63
N THR A 204 7.22 1.74 -13.94
CA THR A 204 7.18 3.19 -14.02
C THR A 204 6.01 3.69 -13.22
N THR A 205 5.81 5.00 -13.17
CA THR A 205 4.65 5.58 -12.51
C THR A 205 3.38 5.07 -13.22
N ALA A 206 3.44 4.96 -14.58
CA ALA A 206 2.34 4.45 -15.41
C ALA A 206 1.96 3.02 -14.99
N SER A 207 2.95 2.15 -14.72
CA SER A 207 2.71 0.79 -14.28
C SER A 207 2.10 0.77 -12.85
N ASP A 208 2.49 1.72 -11.97
CA ASP A 208 1.94 1.89 -10.63
C ASP A 208 0.46 2.31 -10.74
N VAL A 209 0.13 3.15 -11.74
CA VAL A 209 -1.27 3.59 -11.97
C VAL A 209 -2.12 2.32 -12.26
N TRP A 210 -1.61 1.39 -13.07
CA TRP A 210 -2.28 0.11 -13.33
C TRP A 210 -2.49 -0.63 -12.00
N MET A 211 -1.42 -0.80 -11.21
CA MET A 211 -1.47 -1.50 -9.91
C MET A 211 -2.44 -0.85 -8.97
N PHE A 212 -2.46 0.49 -8.97
CA PHE A 212 -3.38 1.25 -8.13
C PHE A 212 -4.84 0.97 -8.44
N ALA A 213 -5.21 0.85 -9.74
CA ALA A 213 -6.60 0.53 -10.11
C ALA A 213 -6.97 -0.88 -9.64
N VAL A 214 -5.99 -1.82 -9.63
CA VAL A 214 -6.18 -3.17 -9.13
C VAL A 214 -6.45 -3.10 -7.60
N CYS A 215 -5.70 -2.24 -6.90
CA CYS A 215 -5.86 -1.96 -5.47
C CYS A 215 -7.29 -1.42 -5.22
N MET A 216 -7.79 -0.50 -6.08
CA MET A 216 -9.15 0.04 -5.93
C MET A 216 -10.17 -1.10 -6.14
N TRP A 217 -9.91 -2.00 -7.10
CA TRP A 217 -10.79 -3.16 -7.35
C TRP A 217 -10.85 -4.03 -6.10
N GLU A 218 -9.72 -4.17 -5.38
CA GLU A 218 -9.68 -4.93 -4.12
C GLU A 218 -10.50 -4.22 -3.05
N ILE A 219 -10.37 -2.86 -2.96
CA ILE A 219 -11.10 -2.05 -1.95
C ILE A 219 -12.60 -2.16 -2.19
N LEU A 220 -13.05 -1.91 -3.42
CA LEU A 220 -14.49 -1.98 -3.76
C LEU A 220 -15.09 -3.41 -3.71
N SER A 221 -14.21 -4.43 -3.71
CA SER A 221 -14.57 -5.85 -3.61
C SER A 221 -14.44 -6.35 -2.17
N PHE A 222 -14.16 -5.43 -1.21
CA PHE A 222 -13.98 -5.70 0.22
C PHE A 222 -12.85 -6.70 0.52
N GLY A 223 -11.74 -6.57 -0.18
CA GLY A 223 -10.56 -7.40 0.06
C GLY A 223 -10.38 -8.65 -0.78
N LYS A 224 -11.23 -8.83 -1.81
CA LYS A 224 -11.11 -9.98 -2.72
C LYS A 224 -9.81 -9.85 -3.50
N GLN A 225 -9.14 -10.98 -3.70
CA GLN A 225 -7.88 -11.02 -4.44
C GLN A 225 -8.18 -10.94 -5.93
N PRO A 226 -7.45 -10.09 -6.68
CA PRO A 226 -7.69 -9.98 -8.13
C PRO A 226 -7.30 -11.26 -8.84
N PHE A 227 -8.08 -11.65 -9.87
CA PHE A 227 -7.84 -12.89 -10.62
C PHE A 227 -7.68 -14.13 -9.73
N PHE A 228 -8.42 -14.20 -8.61
CA PHE A 228 -8.37 -15.32 -7.65
C PHE A 228 -8.65 -16.68 -8.30
N TRP A 229 -9.36 -16.63 -9.45
CA TRP A 229 -9.83 -17.75 -10.26
C TRP A 229 -8.79 -18.23 -11.29
N LEU A 230 -7.67 -17.49 -11.41
CA LEU A 230 -6.58 -17.84 -12.33
C LEU A 230 -5.31 -18.22 -11.59
N GLU A 231 -4.38 -18.86 -12.30
CA GLU A 231 -3.04 -19.12 -11.79
C GLU A 231 -2.23 -17.92 -12.30
N ASN A 232 -1.04 -17.63 -11.72
CA ASN A 232 -0.22 -16.51 -12.19
C ASN A 232 0.18 -16.63 -13.67
N LYS A 233 0.47 -17.85 -14.15
CA LYS A 233 0.89 -18.08 -15.54
C LYS A 233 -0.17 -17.73 -16.60
N ASP A 234 -1.46 -17.75 -16.20
CA ASP A 234 -2.64 -17.47 -17.03
C ASP A 234 -2.92 -15.98 -17.23
N VAL A 235 -2.51 -15.16 -16.28
CA VAL A 235 -2.78 -13.72 -16.23
C VAL A 235 -2.43 -12.96 -17.52
N ILE A 236 -1.17 -13.02 -17.95
CA ILE A 236 -0.77 -12.28 -19.17
C ILE A 236 -1.62 -12.61 -20.40
N GLY A 237 -1.92 -13.90 -20.63
CA GLY A 237 -2.74 -14.35 -21.76
C GLY A 237 -4.10 -13.69 -21.81
N VAL A 238 -4.73 -13.54 -20.64
CA VAL A 238 -6.04 -12.94 -20.43
C VAL A 238 -5.96 -11.41 -20.69
N LEU A 239 -4.92 -10.75 -20.18
CA LEU A 239 -4.72 -9.30 -20.38
C LEU A 239 -4.41 -9.01 -21.84
N GLU A 240 -3.55 -9.83 -22.49
CA GLU A 240 -3.19 -9.67 -23.91
C GLU A 240 -4.38 -9.77 -24.85
N LYS A 241 -5.36 -10.61 -24.48
CA LYS A 241 -6.59 -10.91 -25.21
C LYS A 241 -7.63 -9.79 -25.00
N GLY A 242 -7.36 -8.87 -24.07
CA GLY A 242 -8.25 -7.75 -23.77
C GLY A 242 -9.20 -7.91 -22.60
N ASP A 243 -9.09 -9.03 -21.86
CA ASP A 243 -9.96 -9.26 -20.71
C ASP A 243 -9.48 -8.45 -19.51
N ARG A 244 -10.44 -7.97 -18.71
CA ARG A 244 -10.13 -7.17 -17.53
C ARG A 244 -10.90 -7.66 -16.31
N LEU A 245 -10.52 -7.16 -15.11
CA LEU A 245 -11.22 -7.50 -13.88
C LEU A 245 -12.65 -6.95 -14.00
N PRO A 246 -13.70 -7.76 -13.68
CA PRO A 246 -15.07 -7.25 -13.80
C PRO A 246 -15.40 -6.21 -12.74
N LYS A 247 -16.45 -5.40 -12.96
CA LYS A 247 -16.81 -4.36 -12.00
C LYS A 247 -17.28 -4.99 -10.70
N PRO A 248 -16.70 -4.60 -9.52
CA PRO A 248 -17.24 -5.14 -8.26
C PRO A 248 -18.69 -4.68 -8.12
N ASP A 249 -19.57 -5.49 -7.53
CA ASP A 249 -21.00 -5.20 -7.34
C ASP A 249 -21.28 -3.78 -6.82
N LEU A 250 -20.52 -3.33 -5.83
CA LEU A 250 -20.71 -2.04 -5.18
C LEU A 250 -19.96 -0.88 -5.81
N CYS A 251 -19.17 -1.15 -6.86
CA CYS A 251 -18.38 -0.14 -7.54
C CYS A 251 -19.25 0.75 -8.43
N PRO A 252 -19.20 2.09 -8.23
CA PRO A 252 -19.96 3.00 -9.09
C PRO A 252 -19.47 2.93 -10.54
N PRO A 253 -20.38 2.96 -11.55
CA PRO A 253 -19.93 2.88 -12.96
C PRO A 253 -18.82 3.87 -13.34
N VAL A 254 -18.88 5.12 -12.84
CA VAL A 254 -17.88 6.17 -13.13
C VAL A 254 -16.49 5.73 -12.61
N LEU A 255 -16.46 5.13 -11.40
CA LEU A 255 -15.22 4.63 -10.80
C LEU A 255 -14.68 3.45 -11.61
N TYR A 256 -15.55 2.54 -12.10
CA TYR A 256 -15.08 1.42 -12.94
C TYR A 256 -14.50 1.89 -14.26
N THR A 257 -15.10 2.94 -14.86
CA THR A 257 -14.59 3.55 -16.10
C THR A 257 -13.16 4.06 -15.85
N LEU A 258 -12.95 4.74 -14.71
CA LEU A 258 -11.61 5.23 -14.32
C LEU A 258 -10.63 4.08 -14.17
N MET A 259 -11.08 2.96 -13.52
CA MET A 259 -10.28 1.74 -13.33
C MET A 259 -9.85 1.21 -14.69
N THR A 260 -10.79 1.16 -15.66
CA THR A 260 -10.51 0.69 -17.02
C THR A 260 -9.49 1.56 -17.77
N ARG A 261 -9.44 2.86 -17.46
CA ARG A 261 -8.47 3.79 -18.10
C ARG A 261 -7.06 3.56 -17.58
N CYS A 262 -6.94 3.20 -16.29
CA CYS A 262 -5.69 2.82 -15.61
C CYS A 262 -5.18 1.48 -16.16
N TRP A 263 -6.09 0.65 -16.69
CA TRP A 263 -5.75 -0.66 -17.25
C TRP A 263 -5.63 -0.63 -18.77
N ASP A 264 -5.21 0.50 -19.31
CA ASP A 264 -4.99 0.57 -20.73
C ASP A 264 -3.67 -0.18 -20.99
N TYR A 265 -3.62 -1.04 -22.02
CA TYR A 265 -2.40 -1.78 -22.37
C TYR A 265 -1.28 -0.77 -22.59
N ASP A 266 -1.60 0.36 -23.27
CA ASP A 266 -0.65 1.41 -23.57
C ASP A 266 -0.41 2.26 -22.31
N PRO A 267 0.77 2.16 -21.66
CA PRO A 267 1.03 2.97 -20.44
C PRO A 267 0.81 4.47 -20.59
N SER A 268 1.02 5.00 -21.83
CA SER A 268 0.85 6.42 -22.14
C SER A 268 -0.59 6.86 -22.06
N ASP A 269 -1.55 5.91 -22.22
CA ASP A 269 -2.97 6.22 -22.20
C ASP A 269 -3.61 6.18 -20.82
N ARG A 270 -2.83 5.83 -19.81
CA ARG A 270 -3.30 5.81 -18.42
C ARG A 270 -3.14 7.22 -17.82
N PRO A 271 -4.04 7.65 -16.91
CA PRO A 271 -3.87 8.98 -16.31
C PRO A 271 -2.72 8.98 -15.30
N ARG A 272 -2.27 10.18 -14.96
CA ARG A 272 -1.27 10.32 -13.92
C ARG A 272 -2.04 10.30 -12.63
N PHE A 273 -1.39 9.92 -11.53
CA PHE A 273 -1.98 9.96 -10.19
C PHE A 273 -2.42 11.39 -9.84
N THR A 274 -1.62 12.40 -10.26
CA THR A 274 -1.90 13.84 -10.02
C THR A 274 -3.31 14.20 -10.51
N GLU A 275 -3.66 13.80 -11.75
CA GLU A 275 -4.96 14.05 -12.36
C GLU A 275 -6.02 13.09 -11.86
N LEU A 276 -5.62 11.87 -11.54
CA LEU A 276 -6.51 10.85 -10.99
C LEU A 276 -7.08 11.30 -9.62
N VAL A 277 -6.35 12.17 -8.88
CA VAL A 277 -6.80 12.77 -7.62
C VAL A 277 -8.07 13.59 -7.92
N CYS A 278 -8.00 14.42 -9.00
CA CYS A 278 -9.10 15.26 -9.47
C CYS A 278 -10.29 14.38 -9.86
N SER A 279 -10.01 13.28 -10.59
CA SER A 279 -10.99 12.30 -11.06
C SER A 279 -11.72 11.62 -9.88
N LEU A 280 -10.95 11.12 -8.89
CA LEU A 280 -11.48 10.47 -7.69
C LEU A 280 -12.16 11.45 -6.74
N SER A 281 -11.70 12.73 -6.68
CA SER A 281 -12.37 13.75 -5.85
C SER A 281 -13.78 14.05 -6.44
N ASP A 282 -13.90 14.07 -7.78
CA ASP A 282 -15.18 14.28 -8.46
C ASP A 282 -16.12 13.10 -8.18
N VAL A 283 -15.60 11.86 -8.25
CA VAL A 283 -16.36 10.63 -7.93
C VAL A 283 -16.83 10.67 -6.46
N TYR A 284 -15.93 11.07 -5.54
CA TYR A 284 -16.22 11.18 -4.10
C TYR A 284 -17.35 12.17 -3.86
N GLN A 285 -17.29 13.35 -4.52
CA GLN A 285 -18.33 14.37 -4.39
C GLN A 285 -19.67 13.92 -4.93
N MET A 286 -19.68 13.12 -6.02
CA MET A 286 -20.90 12.57 -6.60
C MET A 286 -21.49 11.52 -5.67
N GLU A 287 -20.63 10.71 -5.02
CA GLU A 287 -21.08 9.69 -4.07
C GLU A 287 -21.56 10.30 -2.78
N LYS A 288 -21.00 11.44 -2.40
CA LYS A 288 -21.40 12.18 -1.21
C LYS A 288 -22.80 12.79 -1.46
N ASP A 289 -23.03 13.31 -2.68
CA ASP A 289 -24.29 13.88 -3.13
C ASP A 289 -25.41 12.85 -3.22
N ILE A 290 -25.06 11.60 -3.64
CA ILE A 290 -25.99 10.47 -3.74
C ILE A 290 -26.40 10.05 -2.31
N ALA A 291 -25.39 9.81 -1.43
CA ALA A 291 -25.59 9.44 -0.03
C ALA A 291 -26.03 10.66 0.78
#